data_2F93
#
_entry.id   2F93
#
_cell.length_a   124.340
_cell.length_b   47.030
_cell.length_c   53.820
_cell.angle_alpha   90.00
_cell.angle_beta   90.00
_cell.angle_gamma   90.00
#
_symmetry.space_group_name_H-M   'P 21 21 2'
#
loop_
_entity.id
_entity.type
_entity.pdbx_description
1 polymer 'Sensory rhodopsin II'
2 polymer 'Sensory rhodopsin II transducer'
3 non-polymer 'octyl beta-D-glucopyranoside'
4 non-polymer RETINAL
5 water water
#
loop_
_entity_poly.entity_id
_entity_poly.type
_entity_poly.pdbx_seq_one_letter_code
_entity_poly.pdbx_strand_id
1 'polypeptide(L)'
;VGLTTLFWLGAIGMLVGTLAFAWAGRDAGSGERRYYVTLVGISGIAAVAYVVMALGVGWVPVAERTVFAPRYIDWILTTP
LIVYFLGLLAGLDSREFGIVITLNTVVMLAGFAGAMVPGIERYALFGMGAVAFLGLVYYLVGPMTESASQRSSGIKSLYV
RLRNLTVILWAIYPFIWLLGPPGVALLTPTVDVALIVYLDLVTKVGFGFIALDAAATLRAEHGESLAGVDTDAPAVADEN
SHHHHHHH
;
A
2 'polypeptide(L)'
;ALNVSRLLLPSRVRHSYTGKMGAVFIFVGALTVLFGAIAYGEVTAAAATGDAAAVQEAAVSAILGLIILLGINLGLVAAT
LGGDTAASLSTLAAKASRMGDGDLDVELETRRENSHHHHHHH
;
B
#
# COMPACT_ATOMS: atom_id res chain seq x y z
N GLY A 2 -5.13 18.88 -6.69
CA GLY A 2 -5.30 19.02 -5.22
C GLY A 2 -5.27 17.69 -4.50
N LEU A 3 -5.10 17.74 -3.18
CA LEU A 3 -5.07 16.52 -2.37
C LEU A 3 -6.43 15.84 -2.40
N THR A 4 -7.50 16.63 -2.28
CA THR A 4 -8.85 16.06 -2.27
C THR A 4 -9.16 15.29 -3.54
N THR A 5 -8.69 15.78 -4.68
CA THR A 5 -8.93 15.11 -5.94
C THR A 5 -8.23 13.75 -5.96
N LEU A 6 -7.01 13.72 -5.43
CA LEU A 6 -6.25 12.49 -5.37
C LEU A 6 -6.94 11.51 -4.43
N PHE A 7 -7.42 12.01 -3.29
CA PHE A 7 -8.10 11.12 -2.35
C PHE A 7 -9.37 10.53 -2.97
N TRP A 8 -10.10 11.35 -3.72
CA TRP A 8 -11.31 10.88 -4.37
C TRP A 8 -10.98 9.80 -5.40
N LEU A 9 -9.90 10.01 -6.15
CA LEU A 9 -9.47 9.03 -7.14
C LEU A 9 -9.13 7.71 -6.45
N GLY A 10 -8.49 7.80 -5.28
CA GLY A 10 -8.15 6.61 -4.53
C GLY A 10 -9.42 5.90 -4.10
N ALA A 11 -10.38 6.69 -3.61
CA ALA A 11 -11.65 6.14 -3.15
C ALA A 11 -12.41 5.46 -4.29
N ILE A 12 -12.45 6.11 -5.45
CA ILE A 12 -13.14 5.55 -6.61
C ILE A 12 -12.47 4.23 -7.02
N GLY A 13 -11.14 4.25 -7.09
CA GLY A 13 -10.40 3.06 -7.45
C GLY A 13 -10.68 1.90 -6.52
N MET A 14 -10.68 2.16 -5.21
CA MET A 14 -10.96 1.13 -4.22
C MET A 14 -12.41 0.63 -4.35
N LEU A 15 -13.34 1.56 -4.55
CA LEU A 15 -14.75 1.17 -4.72
C LEU A 15 -14.96 0.26 -5.93
N VAL A 16 -14.33 0.61 -7.05
CA VAL A 16 -14.45 -0.20 -8.25
C VAL A 16 -13.93 -1.59 -7.95
N GLY A 17 -12.80 -1.66 -7.25
CA GLY A 17 -12.23 -2.95 -6.91
C GLY A 17 -13.16 -3.73 -6.00
N THR A 18 -13.67 -3.07 -4.96
CA THR A 18 -14.57 -3.70 -4.01
C THR A 18 -15.76 -4.33 -4.73
N LEU A 19 -16.41 -3.56 -5.60
CA LEU A 19 -17.56 -4.03 -6.34
C LEU A 19 -17.22 -5.20 -7.26
N ALA A 20 -16.06 -5.12 -7.90
CA ALA A 20 -15.61 -6.18 -8.81
C ALA A 20 -15.40 -7.48 -8.04
N PHE A 21 -14.70 -7.40 -6.91
CA PHE A 21 -14.45 -8.58 -6.10
C PHE A 21 -15.75 -9.17 -5.55
N ALA A 22 -16.63 -8.30 -5.06
CA ALA A 22 -17.92 -8.76 -4.52
C ALA A 22 -18.72 -9.51 -5.59
N TRP A 23 -18.82 -8.90 -6.77
CA TRP A 23 -19.56 -9.50 -7.88
C TRP A 23 -18.89 -10.81 -8.32
N ALA A 24 -17.57 -10.77 -8.50
CA ALA A 24 -16.83 -11.95 -8.93
C ALA A 24 -17.03 -13.14 -7.99
N GLY A 25 -17.28 -12.87 -6.71
CA GLY A 25 -17.47 -13.94 -5.77
C GLY A 25 -18.91 -14.33 -5.48
N ARG A 26 -19.85 -13.75 -6.22
CA ARG A 26 -21.28 -14.04 -6.01
C ARG A 26 -21.61 -15.53 -6.03
N ASP A 27 -21.00 -16.27 -6.95
CA ASP A 27 -21.25 -17.71 -7.07
C ASP A 27 -20.06 -18.56 -6.65
N ALA A 28 -19.20 -17.99 -5.80
CA ALA A 28 -18.02 -18.71 -5.33
C ALA A 28 -18.39 -19.93 -4.49
N GLY A 29 -17.59 -20.99 -4.61
CA GLY A 29 -17.85 -22.19 -3.84
C GLY A 29 -17.53 -21.99 -2.37
N SER A 30 -17.83 -23.01 -1.56
CA SER A 30 -17.59 -22.94 -0.12
C SER A 30 -16.10 -22.83 0.22
N GLY A 31 -15.24 -23.23 -0.71
CA GLY A 31 -13.81 -23.17 -0.47
C GLY A 31 -13.13 -21.91 -0.98
N GLU A 32 -13.81 -21.19 -1.88
CA GLU A 32 -13.25 -19.96 -2.44
C GLU A 32 -13.82 -18.74 -1.73
N ARG A 33 -15.02 -18.91 -1.17
CA ARG A 33 -15.73 -17.84 -0.47
C ARG A 33 -14.87 -16.87 0.34
N ARG A 34 -14.17 -17.38 1.34
CA ARG A 34 -13.33 -16.56 2.21
C ARG A 34 -12.36 -15.65 1.46
N TYR A 35 -11.84 -16.13 0.33
CA TYR A 35 -10.90 -15.34 -0.46
C TYR A 35 -11.56 -14.08 -1.02
N TYR A 36 -12.74 -14.25 -1.62
CA TYR A 36 -13.46 -13.11 -2.19
C TYR A 36 -13.89 -12.12 -1.12
N VAL A 37 -14.38 -12.65 0.00
CA VAL A 37 -14.82 -11.80 1.10
C VAL A 37 -13.65 -11.01 1.67
N THR A 38 -12.50 -11.66 1.79
CA THR A 38 -11.32 -10.98 2.30
C THR A 38 -10.91 -9.83 1.38
N LEU A 39 -10.95 -10.07 0.07
CA LEU A 39 -10.60 -9.02 -0.90
C LEU A 39 -11.55 -7.83 -0.78
N VAL A 40 -12.83 -8.12 -0.57
CA VAL A 40 -13.83 -7.07 -0.43
C VAL A 40 -13.52 -6.21 0.79
N GLY A 41 -13.09 -6.86 1.87
CA GLY A 41 -12.77 -6.14 3.08
C GLY A 41 -11.54 -5.27 2.91
N ILE A 42 -10.53 -5.79 2.22
CA ILE A 42 -9.30 -5.05 1.99
C ILE A 42 -9.54 -3.74 1.24
N SER A 43 -10.16 -3.82 0.06
CA SER A 43 -10.44 -2.62 -0.72
C SER A 43 -11.59 -1.80 -0.14
N GLY A 44 -12.52 -2.47 0.52
CA GLY A 44 -13.67 -1.79 1.12
C GLY A 44 -13.26 -0.82 2.22
N ILE A 45 -12.43 -1.29 3.14
CA ILE A 45 -11.95 -0.46 4.22
C ILE A 45 -11.10 0.69 3.67
N ALA A 46 -10.25 0.40 2.68
CA ALA A 46 -9.42 1.43 2.07
C ALA A 46 -10.30 2.51 1.45
N ALA A 47 -11.39 2.08 0.81
CA ALA A 47 -12.32 3.02 0.19
C ALA A 47 -12.85 4.00 1.24
N VAL A 48 -13.22 3.48 2.40
CA VAL A 48 -13.71 4.33 3.48
C VAL A 48 -12.64 5.34 3.90
N ALA A 49 -11.43 4.84 4.14
CA ALA A 49 -10.33 5.70 4.54
C ALA A 49 -10.11 6.83 3.52
N TYR A 50 -10.08 6.49 2.23
CA TYR A 50 -9.88 7.51 1.23
C TYR A 50 -11.02 8.52 1.20
N VAL A 51 -12.27 8.06 1.33
CA VAL A 51 -13.40 8.97 1.34
C VAL A 51 -13.28 9.95 2.53
N VAL A 52 -12.93 9.41 3.69
CA VAL A 52 -12.77 10.24 4.88
C VAL A 52 -11.73 11.34 4.62
N MET A 53 -10.60 10.96 4.04
CA MET A 53 -9.56 11.94 3.74
C MET A 53 -10.01 12.92 2.65
N ALA A 54 -10.75 12.42 1.67
CA ALA A 54 -11.25 13.28 0.59
C ALA A 54 -12.18 14.37 1.14
N LEU A 55 -12.86 14.04 2.24
CA LEU A 55 -13.78 14.97 2.89
C LEU A 55 -13.02 15.91 3.82
N GLY A 56 -11.69 15.79 3.81
CA GLY A 56 -10.86 16.64 4.64
C GLY A 56 -10.83 16.27 6.11
N VAL A 57 -11.07 14.99 6.40
CA VAL A 57 -11.08 14.53 7.79
C VAL A 57 -9.85 13.67 8.08
N GLY A 58 -9.26 13.87 9.25
CA GLY A 58 -8.08 13.09 9.62
C GLY A 58 -6.75 13.68 9.19
N TRP A 59 -6.78 14.92 8.69
CA TRP A 59 -5.55 15.59 8.25
C TRP A 59 -4.83 16.09 9.50
N VAL A 60 -3.58 15.69 9.66
CA VAL A 60 -2.81 16.10 10.83
C VAL A 60 -1.60 16.97 10.49
N PRO A 61 -1.82 18.27 10.28
CA PRO A 61 -0.74 19.21 9.95
C PRO A 61 -0.05 19.58 11.25
N VAL A 62 1.03 18.86 11.57
CA VAL A 62 1.77 19.11 12.81
C VAL A 62 3.28 19.08 12.66
N ALA A 63 3.96 19.85 13.51
CA ALA A 63 5.41 19.93 13.49
C ALA A 63 5.90 20.34 12.10
N GLU A 64 5.14 21.23 11.48
CA GLU A 64 5.44 21.76 10.16
C GLU A 64 5.35 20.74 9.02
N ARG A 65 4.62 19.65 9.26
CA ARG A 65 4.44 18.63 8.25
C ARG A 65 2.98 18.20 8.28
N THR A 66 2.56 17.47 7.25
CA THR A 66 1.19 17.00 7.20
C THR A 66 1.15 15.49 7.01
N VAL A 67 0.55 14.80 7.97
CA VAL A 67 0.39 13.35 7.89
C VAL A 67 -1.11 13.07 7.93
N PHE A 68 -1.51 11.88 7.53
CA PHE A 68 -2.92 11.53 7.46
C PHE A 68 -3.23 10.30 8.30
N ALA A 69 -3.96 10.53 9.39
CA ALA A 69 -4.32 9.45 10.29
C ALA A 69 -5.07 8.31 9.60
N PRO A 70 -6.04 8.62 8.71
CA PRO A 70 -6.78 7.53 8.05
C PRO A 70 -5.88 6.59 7.24
N ARG A 71 -4.80 7.11 6.70
CA ARG A 71 -3.87 6.29 5.93
C ARG A 71 -3.33 5.16 6.81
N TYR A 72 -2.78 5.51 7.96
CA TYR A 72 -2.21 4.53 8.88
C TYR A 72 -3.25 3.61 9.54
N ILE A 73 -4.44 4.13 9.81
CA ILE A 73 -5.49 3.32 10.42
C ILE A 73 -5.90 2.27 9.38
N ASP A 74 -6.02 2.70 8.13
CA ASP A 74 -6.35 1.83 7.00
C ASP A 74 -5.34 0.69 6.98
N TRP A 75 -4.05 1.06 6.91
CA TRP A 75 -2.99 0.06 6.86
C TRP A 75 -3.05 -0.94 8.02
N ILE A 76 -3.22 -0.45 9.23
CA ILE A 76 -3.29 -1.31 10.40
C ILE A 76 -4.38 -2.37 10.26
N LEU A 77 -5.48 -2.02 9.60
CA LEU A 77 -6.61 -2.92 9.43
C LEU A 77 -6.64 -3.76 8.15
N THR A 78 -6.10 -3.22 7.05
CA THR A 78 -6.12 -3.94 5.79
C THR A 78 -4.88 -4.81 5.50
N THR A 79 -3.69 -4.35 5.89
CA THR A 79 -2.51 -5.17 5.61
C THR A 79 -2.62 -6.54 6.31
N PRO A 80 -3.18 -6.59 7.52
CA PRO A 80 -3.28 -7.93 8.12
C PRO A 80 -4.23 -8.84 7.35
N LEU A 81 -5.19 -8.25 6.64
CA LEU A 81 -6.12 -9.04 5.82
C LEU A 81 -5.41 -9.53 4.57
N ILE A 82 -4.46 -8.74 4.07
CA ILE A 82 -3.68 -9.14 2.89
C ILE A 82 -2.80 -10.31 3.33
N VAL A 83 -2.20 -10.20 4.51
CA VAL A 83 -1.35 -11.27 5.01
C VAL A 83 -2.20 -12.52 5.28
N TYR A 84 -3.44 -12.30 5.72
CA TYR A 84 -4.36 -13.41 6.00
C TYR A 84 -4.66 -14.15 4.68
N PHE A 85 -4.89 -13.37 3.63
CA PHE A 85 -5.18 -13.93 2.31
C PHE A 85 -3.94 -14.75 1.87
N LEU A 86 -2.76 -14.18 2.02
CA LEU A 86 -1.54 -14.90 1.64
C LEU A 86 -1.40 -16.14 2.50
N GLY A 87 -1.73 -16.02 3.78
CA GLY A 87 -1.64 -17.15 4.69
C GLY A 87 -2.62 -18.25 4.33
N LEU A 88 -3.82 -17.88 3.87
CA LEU A 88 -4.80 -18.88 3.48
C LEU A 88 -4.30 -19.68 2.29
N LEU A 89 -3.72 -18.98 1.31
CA LEU A 89 -3.18 -19.65 0.13
C LEU A 89 -2.05 -20.60 0.54
N ALA A 90 -1.18 -20.14 1.44
CA ALA A 90 -0.05 -20.95 1.89
C ALA A 90 -0.46 -22.13 2.78
N GLY A 91 -1.67 -22.08 3.31
CA GLY A 91 -2.14 -23.17 4.16
C GLY A 91 -1.60 -23.15 5.59
N LEU A 92 -1.44 -21.95 6.16
CA LEU A 92 -0.92 -21.82 7.51
C LEU A 92 -1.91 -22.29 8.58
N ASP A 93 -1.38 -22.69 9.73
CA ASP A 93 -2.23 -23.10 10.85
C ASP A 93 -2.33 -21.86 11.75
N SER A 94 -3.11 -21.96 12.82
CA SER A 94 -3.30 -20.84 13.73
C SER A 94 -2.01 -20.21 14.25
N ARG A 95 -1.08 -21.05 14.69
CA ARG A 95 0.19 -20.57 15.23
C ARG A 95 0.93 -19.70 14.21
N GLU A 96 1.08 -20.22 13.00
CA GLU A 96 1.80 -19.52 11.95
C GLU A 96 1.11 -18.22 11.58
N PHE A 97 -0.23 -18.23 11.57
CA PHE A 97 -0.98 -17.02 11.26
C PHE A 97 -0.67 -15.98 12.35
N GLY A 98 -0.69 -16.43 13.60
CA GLY A 98 -0.43 -15.54 14.71
C GLY A 98 0.92 -14.85 14.61
N ILE A 99 1.92 -15.58 14.16
CA ILE A 99 3.26 -15.01 14.01
C ILE A 99 3.31 -13.89 12.98
N VAL A 100 2.82 -14.14 11.78
CA VAL A 100 2.89 -13.12 10.73
C VAL A 100 1.97 -11.93 10.96
N ILE A 101 0.83 -12.17 11.61
CA ILE A 101 -0.09 -11.08 11.91
C ILE A 101 0.55 -10.20 12.98
N THR A 102 1.25 -10.83 13.92
CA THR A 102 1.93 -10.08 14.98
C THR A 102 3.00 -9.20 14.36
N LEU A 103 3.85 -9.79 13.53
CA LEU A 103 4.91 -9.02 12.89
C LEU A 103 4.30 -7.87 12.07
N ASN A 104 3.29 -8.18 11.28
CA ASN A 104 2.66 -7.17 10.45
C ASN A 104 2.12 -6.02 11.29
N THR A 105 1.47 -6.35 12.40
CA THR A 105 0.89 -5.33 13.26
C THR A 105 1.95 -4.39 13.83
N VAL A 106 3.10 -4.93 14.22
CA VAL A 106 4.17 -4.09 14.75
C VAL A 106 4.61 -3.09 13.69
N VAL A 107 4.78 -3.55 12.46
CA VAL A 107 5.18 -2.68 11.37
C VAL A 107 4.21 -1.49 11.26
N MET A 108 2.92 -1.79 11.15
CA MET A 108 1.90 -0.75 10.97
C MET A 108 1.72 0.18 12.16
N LEU A 109 1.74 -0.37 13.37
CA LEU A 109 1.60 0.45 14.56
C LEU A 109 2.79 1.40 14.67
N ALA A 110 3.97 0.88 14.30
CA ALA A 110 5.20 1.67 14.35
C ALA A 110 5.13 2.87 13.40
N GLY A 111 4.67 2.63 12.18
CA GLY A 111 4.56 3.70 11.20
C GLY A 111 3.55 4.74 11.63
N PHE A 112 2.48 4.28 12.27
CA PHE A 112 1.42 5.16 12.74
C PHE A 112 1.96 6.04 13.88
N ALA A 113 2.50 5.40 14.90
CA ALA A 113 3.04 6.11 16.05
C ALA A 113 4.15 7.08 15.63
N GLY A 114 5.07 6.59 14.81
CA GLY A 114 6.18 7.43 14.35
C GLY A 114 5.73 8.64 13.56
N ALA A 115 4.69 8.47 12.75
CA ALA A 115 4.16 9.56 11.94
C ALA A 115 3.52 10.64 12.82
N MET A 116 3.10 10.25 14.01
CA MET A 116 2.45 11.17 14.94
C MET A 116 3.40 11.73 15.99
N VAL A 117 4.67 11.33 15.92
CA VAL A 117 5.66 11.78 16.88
C VAL A 117 6.66 12.78 16.32
N PRO A 118 6.68 14.00 16.86
CA PRO A 118 7.62 15.01 16.39
C PRO A 118 8.98 14.71 17.03
N GLY A 119 10.06 15.05 16.35
CA GLY A 119 11.38 14.80 16.91
C GLY A 119 12.01 13.48 16.50
N ILE A 120 13.31 13.35 16.76
CA ILE A 120 14.07 12.16 16.41
C ILE A 120 13.55 10.83 16.94
N GLU A 121 12.73 10.85 17.97
CA GLU A 121 12.20 9.61 18.51
C GLU A 121 11.38 8.87 17.45
N ARG A 122 10.87 9.59 16.46
CA ARG A 122 10.06 8.95 15.43
C ARG A 122 10.90 7.99 14.60
N TYR A 123 12.21 8.18 14.58
CA TYR A 123 13.08 7.30 13.82
C TYR A 123 13.28 5.98 14.56
N ALA A 124 13.13 5.99 15.88
CA ALA A 124 13.27 4.77 16.67
C ALA A 124 12.02 3.93 16.39
N LEU A 125 10.86 4.60 16.32
CA LEU A 125 9.62 3.90 16.03
C LEU A 125 9.73 3.33 14.61
N PHE A 126 10.28 4.11 13.69
CA PHE A 126 10.44 3.63 12.33
C PHE A 126 11.29 2.36 12.35
N GLY A 127 12.39 2.43 13.10
CA GLY A 127 13.30 1.29 13.20
C GLY A 127 12.61 0.02 13.66
N MET A 128 11.74 0.16 14.67
CA MET A 128 11.00 -0.99 15.19
C MET A 128 10.16 -1.58 14.07
N GLY A 129 9.50 -0.71 13.30
CA GLY A 129 8.68 -1.18 12.20
C GLY A 129 9.54 -1.80 11.11
N ALA A 130 10.67 -1.17 10.81
CA ALA A 130 11.56 -1.69 9.77
C ALA A 130 12.07 -3.09 10.10
N VAL A 131 12.45 -3.33 11.35
CA VAL A 131 12.95 -4.65 11.73
C VAL A 131 11.83 -5.68 11.65
N ALA A 132 10.65 -5.33 12.17
CA ALA A 132 9.51 -6.23 12.13
C ALA A 132 9.22 -6.58 10.67
N PHE A 133 9.35 -5.60 9.79
CA PHE A 133 9.10 -5.82 8.36
C PHE A 133 10.04 -6.86 7.76
N LEU A 134 11.32 -6.79 8.13
CA LEU A 134 12.27 -7.77 7.60
C LEU A 134 11.88 -9.16 8.09
N GLY A 135 11.39 -9.24 9.32
CA GLY A 135 10.96 -10.52 9.85
C GLY A 135 9.77 -11.04 9.06
N LEU A 136 8.85 -10.13 8.71
CA LEU A 136 7.67 -10.49 7.94
C LEU A 136 8.07 -10.98 6.55
N VAL A 137 9.00 -10.28 5.90
CA VAL A 137 9.43 -10.68 4.57
C VAL A 137 10.06 -12.08 4.64
N TYR A 138 10.83 -12.33 5.69
CA TYR A 138 11.45 -13.65 5.87
C TYR A 138 10.39 -14.73 5.86
N TYR A 139 9.33 -14.52 6.64
CA TYR A 139 8.24 -15.49 6.71
C TYR A 139 7.53 -15.69 5.37
N LEU A 140 7.28 -14.60 4.67
CA LEU A 140 6.62 -14.66 3.37
C LEU A 140 7.43 -15.41 2.33
N VAL A 141 8.74 -15.20 2.32
CA VAL A 141 9.62 -15.83 1.36
C VAL A 141 10.13 -17.20 1.82
N GLY A 142 10.13 -17.43 3.13
CA GLY A 142 10.61 -18.70 3.66
C GLY A 142 9.54 -19.68 4.07
N PRO A 143 9.26 -19.79 5.38
CA PRO A 143 8.26 -20.69 5.96
C PRO A 143 6.94 -20.75 5.19
N MET A 144 6.41 -19.58 4.85
CA MET A 144 5.14 -19.52 4.12
C MET A 144 5.25 -20.03 2.70
N THR A 145 6.40 -19.84 2.06
CA THR A 145 6.57 -20.32 0.70
C THR A 145 6.73 -21.84 0.73
N GLU A 146 7.36 -22.32 1.80
CA GLU A 146 7.56 -23.75 2.00
C GLU A 146 6.19 -24.39 2.18
N SER A 147 5.36 -23.74 3.01
CA SER A 147 4.01 -24.23 3.28
C SER A 147 3.17 -24.25 2.00
N ALA A 148 3.28 -23.20 1.20
CA ALA A 148 2.52 -23.11 -0.05
C ALA A 148 2.92 -24.19 -1.05
N SER A 149 4.18 -24.58 -1.00
CA SER A 149 4.71 -25.61 -1.90
C SER A 149 4.08 -26.97 -1.67
N GLN A 150 3.34 -27.12 -0.57
CA GLN A 150 2.69 -28.38 -0.27
C GLN A 150 1.30 -28.46 -0.92
N ARG A 151 0.86 -27.35 -1.48
CA ARG A 151 -0.46 -27.31 -2.11
C ARG A 151 -0.35 -27.48 -3.63
N SER A 152 -1.46 -27.34 -4.33
CA SER A 152 -1.48 -27.51 -5.78
C SER A 152 -0.51 -26.57 -6.49
N SER A 153 -0.16 -26.94 -7.71
CA SER A 153 0.74 -26.13 -8.53
C SER A 153 0.13 -24.76 -8.76
N GLY A 154 -1.18 -24.72 -8.97
CA GLY A 154 -1.86 -23.46 -9.21
C GLY A 154 -1.83 -22.53 -8.01
N ILE A 155 -2.04 -23.10 -6.82
CA ILE A 155 -2.03 -22.32 -5.59
C ILE A 155 -0.62 -21.81 -5.32
N LYS A 156 0.37 -22.68 -5.51
CA LYS A 156 1.76 -22.29 -5.31
C LYS A 156 2.09 -21.14 -6.23
N SER A 157 1.70 -21.25 -7.50
CA SER A 157 1.95 -20.19 -8.48
C SER A 157 1.29 -18.88 -8.10
N LEU A 158 0.03 -18.94 -7.70
CA LEU A 158 -0.67 -17.73 -7.31
C LEU A 158 0.00 -17.15 -6.06
N TYR A 159 0.35 -18.01 -5.11
CA TYR A 159 0.99 -17.54 -3.90
C TYR A 159 2.27 -16.77 -4.25
N VAL A 160 3.11 -17.39 -5.07
CA VAL A 160 4.36 -16.78 -5.48
C VAL A 160 4.15 -15.44 -6.18
N ARG A 161 3.17 -15.38 -7.07
CA ARG A 161 2.89 -14.14 -7.78
C ARG A 161 2.48 -13.02 -6.84
N LEU A 162 1.55 -13.32 -5.94
CA LEU A 162 1.06 -12.34 -4.97
C LEU A 162 2.13 -12.01 -3.92
N ARG A 163 2.95 -13.00 -3.58
CA ARG A 163 4.02 -12.81 -2.61
C ARG A 163 5.02 -11.81 -3.17
N ASN A 164 5.44 -12.01 -4.41
CA ASN A 164 6.41 -11.12 -5.06
C ASN A 164 5.91 -9.69 -5.18
N LEU A 165 4.66 -9.54 -5.58
CA LEU A 165 4.08 -8.21 -5.71
C LEU A 165 4.12 -7.51 -4.35
N THR A 166 3.73 -8.26 -3.33
CA THR A 166 3.67 -7.78 -1.96
C THR A 166 5.05 -7.39 -1.40
N VAL A 167 5.98 -8.32 -1.42
CA VAL A 167 7.31 -8.03 -0.90
C VAL A 167 7.97 -6.84 -1.60
N ILE A 168 7.96 -6.86 -2.92
CA ILE A 168 8.58 -5.80 -3.70
C ILE A 168 7.95 -4.43 -3.47
N LEU A 169 6.63 -4.33 -3.59
CA LEU A 169 5.98 -3.03 -3.41
C LEU A 169 5.87 -2.56 -1.96
N TRP A 170 5.68 -3.49 -1.02
CA TRP A 170 5.59 -3.08 0.38
C TRP A 170 6.92 -2.47 0.80
N ALA A 171 8.01 -3.01 0.25
CA ALA A 171 9.36 -2.55 0.56
C ALA A 171 9.55 -1.08 0.20
N ILE A 172 8.71 -0.56 -0.69
CA ILE A 172 8.80 0.82 -1.10
C ILE A 172 8.17 1.80 -0.10
N TYR A 173 7.11 1.38 0.58
CA TYR A 173 6.45 2.25 1.55
C TYR A 173 7.37 2.90 2.61
N PRO A 174 8.30 2.11 3.20
CA PRO A 174 9.18 2.73 4.20
C PRO A 174 10.06 3.86 3.66
N PHE A 175 10.43 3.79 2.39
CA PHE A 175 11.25 4.84 1.78
C PHE A 175 10.40 6.10 1.60
N ILE A 176 9.13 5.92 1.25
CA ILE A 176 8.24 7.06 1.09
C ILE A 176 7.96 7.66 2.46
N TRP A 177 7.88 6.81 3.49
CA TRP A 177 7.66 7.28 4.86
C TRP A 177 8.88 8.14 5.26
N LEU A 178 10.07 7.60 5.03
CA LEU A 178 11.32 8.30 5.38
C LEU A 178 11.56 9.60 4.61
N LEU A 179 11.31 9.56 3.30
CA LEU A 179 11.53 10.74 2.46
C LEU A 179 10.35 11.70 2.47
N GLY A 180 9.18 11.19 2.82
CA GLY A 180 7.98 12.02 2.85
C GLY A 180 7.80 12.82 4.12
N PRO A 181 6.61 13.43 4.30
CA PRO A 181 6.27 14.24 5.47
C PRO A 181 6.58 13.59 6.82
N PRO A 182 6.32 12.29 6.98
CA PRO A 182 6.61 11.63 8.26
C PRO A 182 8.09 11.72 8.64
N GLY A 183 8.96 11.67 7.63
CA GLY A 183 10.39 11.68 7.88
C GLY A 183 11.09 13.00 7.64
N VAL A 184 11.94 13.04 6.62
CA VAL A 184 12.70 14.26 6.32
C VAL A 184 11.90 15.30 5.54
N ALA A 185 10.72 14.90 5.08
CA ALA A 185 9.84 15.80 4.36
C ALA A 185 10.40 16.39 3.06
N LEU A 186 11.06 15.57 2.25
CA LEU A 186 11.58 16.05 0.98
C LEU A 186 10.48 15.95 -0.06
N LEU A 187 9.54 15.04 0.16
CA LEU A 187 8.40 14.88 -0.74
C LEU A 187 7.30 15.75 -0.16
N THR A 188 6.60 16.49 -1.01
CA THR A 188 5.51 17.33 -0.54
C THR A 188 4.30 16.44 -0.29
N PRO A 189 3.31 16.94 0.46
CA PRO A 189 2.11 16.13 0.74
C PRO A 189 1.47 15.61 -0.55
N THR A 190 1.38 16.48 -1.56
CA THR A 190 0.79 16.11 -2.84
C THR A 190 1.50 14.91 -3.50
N VAL A 191 2.82 15.01 -3.61
CA VAL A 191 3.61 13.92 -4.21
C VAL A 191 3.53 12.67 -3.34
N ASP A 192 3.60 12.86 -2.03
CA ASP A 192 3.48 11.75 -1.08
C ASP A 192 2.15 11.00 -1.31
N VAL A 193 1.05 11.75 -1.30
CA VAL A 193 -0.27 11.15 -1.49
C VAL A 193 -0.42 10.48 -2.85
N ALA A 194 0.12 11.10 -3.89
CA ALA A 194 0.02 10.54 -5.23
C ALA A 194 0.70 9.19 -5.34
N LEU A 195 1.90 9.07 -4.76
CA LEU A 195 2.62 7.81 -4.79
C LEU A 195 1.91 6.72 -3.99
N ILE A 196 1.34 7.10 -2.85
CA ILE A 196 0.64 6.14 -1.99
C ILE A 196 -0.67 5.67 -2.64
N VAL A 197 -1.36 6.57 -3.33
CA VAL A 197 -2.60 6.19 -4.01
C VAL A 197 -2.28 5.11 -5.04
N TYR A 198 -1.18 5.33 -5.76
CA TYR A 198 -0.73 4.39 -6.79
C TYR A 198 -0.34 3.06 -6.14
N LEU A 199 0.50 3.11 -5.12
CA LEU A 199 0.91 1.89 -4.43
C LEU A 199 -0.28 1.15 -3.79
N ASP A 200 -1.16 1.88 -3.11
CA ASP A 200 -2.32 1.27 -2.48
C ASP A 200 -3.23 0.56 -3.50
N LEU A 201 -3.48 1.20 -4.63
CA LEU A 201 -4.35 0.59 -5.63
C LEU A 201 -3.74 -0.69 -6.17
N VAL A 202 -2.43 -0.70 -6.38
CA VAL A 202 -1.76 -1.88 -6.88
C VAL A 202 -1.72 -2.99 -5.85
N THR A 203 -1.32 -2.67 -4.62
CA THR A 203 -1.23 -3.68 -3.56
C THR A 203 -2.56 -4.25 -3.08
N LYS A 204 -3.65 -3.54 -3.34
CA LYS A 204 -4.98 -4.02 -2.94
C LYS A 204 -5.83 -4.43 -4.14
N VAL A 205 -6.10 -3.49 -5.05
CA VAL A 205 -6.92 -3.79 -6.22
C VAL A 205 -6.14 -4.61 -7.25
N GLY A 206 -4.88 -4.24 -7.50
CA GLY A 206 -4.08 -4.99 -8.45
C GLY A 206 -3.95 -6.41 -7.93
N PHE A 207 -3.60 -6.51 -6.65
CA PHE A 207 -3.46 -7.77 -5.94
C PHE A 207 -4.73 -8.61 -6.16
N GLY A 208 -5.89 -7.98 -5.96
CA GLY A 208 -7.16 -8.66 -6.13
C GLY A 208 -7.45 -9.17 -7.53
N PHE A 209 -7.21 -8.35 -8.54
CA PHE A 209 -7.47 -8.77 -9.91
C PHE A 209 -6.58 -9.92 -10.32
N ILE A 210 -5.36 -9.95 -9.79
CA ILE A 210 -4.45 -11.04 -10.09
C ILE A 210 -5.05 -12.33 -9.54
N ALA A 211 -5.65 -12.25 -8.35
CA ALA A 211 -6.27 -13.43 -7.75
C ALA A 211 -7.49 -13.84 -8.58
N LEU A 212 -8.34 -12.87 -8.91
CA LEU A 212 -9.52 -13.13 -9.72
C LEU A 212 -9.15 -13.80 -11.05
N ASP A 213 -8.06 -13.33 -11.66
CA ASP A 213 -7.60 -13.87 -12.93
C ASP A 213 -7.12 -15.32 -12.86
N ALA A 214 -6.85 -15.80 -11.65
CA ALA A 214 -6.36 -17.18 -11.48
C ALA A 214 -7.46 -18.14 -11.01
N ALA A 215 -8.56 -17.58 -10.52
CA ALA A 215 -9.67 -18.37 -9.99
C ALA A 215 -10.13 -19.54 -10.88
N ALA A 216 -10.40 -19.26 -12.16
CA ALA A 216 -10.85 -20.29 -13.08
C ALA A 216 -9.86 -21.44 -13.21
N THR A 217 -8.57 -21.11 -13.32
CA THR A 217 -7.52 -22.11 -13.44
C THR A 217 -7.46 -22.99 -12.20
N LEU A 218 -7.64 -22.39 -11.03
CA LEU A 218 -7.60 -23.12 -9.78
C LEU A 218 -8.77 -24.09 -9.68
N ARG A 219 -9.93 -23.68 -10.17
CA ARG A 219 -11.10 -24.55 -10.14
C ARG A 219 -10.90 -25.75 -11.06
N ALA A 220 -10.34 -25.49 -12.23
CA ALA A 220 -10.11 -26.51 -13.24
C ALA A 220 -9.12 -27.59 -12.83
N GLU A 221 -8.05 -27.22 -12.13
CA GLU A 221 -7.07 -28.21 -11.73
C GLU A 221 -7.68 -29.18 -10.70
N VAL B 28 2.44 2.31 -17.49
CA VAL B 28 3.52 3.00 -16.79
C VAL B 28 3.83 4.32 -17.47
N GLY B 29 3.79 4.32 -18.80
CA GLY B 29 4.08 5.54 -19.55
C GLY B 29 3.10 6.66 -19.30
N ALA B 30 1.80 6.36 -19.40
CA ALA B 30 0.77 7.37 -19.19
C ALA B 30 0.82 7.92 -17.76
N LEU B 31 0.97 7.02 -16.79
CA LEU B 31 1.04 7.43 -15.39
C LEU B 31 2.21 8.36 -15.12
N THR B 32 3.37 8.05 -15.70
CA THR B 32 4.54 8.88 -15.50
C THR B 32 4.27 10.30 -15.98
N VAL B 33 3.53 10.43 -17.09
CA VAL B 33 3.20 11.74 -17.61
C VAL B 33 2.20 12.41 -16.69
N LEU B 34 1.29 11.61 -16.13
CA LEU B 34 0.29 12.13 -15.22
C LEU B 34 0.98 12.66 -13.97
N PHE B 35 1.92 11.86 -13.44
CA PHE B 35 2.66 12.26 -12.25
C PHE B 35 3.44 13.52 -12.56
N GLY B 36 4.04 13.55 -13.76
CA GLY B 36 4.81 14.70 -14.16
C GLY B 36 3.97 15.96 -14.20
N ALA B 37 2.75 15.84 -14.72
CA ALA B 37 1.86 16.99 -14.80
C ALA B 37 1.55 17.51 -13.39
N ILE B 38 1.29 16.58 -12.47
CA ILE B 38 0.99 16.95 -11.09
C ILE B 38 2.18 17.67 -10.47
N ALA B 39 3.38 17.10 -10.67
CA ALA B 39 4.61 17.69 -10.15
C ALA B 39 4.82 19.08 -10.76
N TYR B 40 4.60 19.20 -12.06
CA TYR B 40 4.75 20.47 -12.74
C TYR B 40 3.79 21.49 -12.15
N GLY B 41 2.57 21.03 -11.86
CA GLY B 41 1.57 21.90 -11.27
C GLY B 41 2.06 22.52 -9.98
N GLU B 42 2.76 21.74 -9.17
CA GLU B 42 3.28 22.24 -7.90
C GLU B 42 4.40 23.24 -8.11
N VAL B 43 5.32 22.92 -9.01
CA VAL B 43 6.44 23.80 -9.31
C VAL B 43 5.91 25.16 -9.80
N THR B 44 4.93 25.12 -10.67
CA THR B 44 4.35 26.34 -11.23
C THR B 44 3.64 27.17 -10.16
N ALA B 45 2.91 26.50 -9.28
CA ALA B 45 2.20 27.19 -8.21
C ALA B 45 3.22 27.85 -7.29
N ALA B 46 4.30 27.13 -7.00
CA ALA B 46 5.35 27.65 -6.14
C ALA B 46 6.01 28.86 -6.78
N ALA B 47 6.19 28.81 -8.10
CA ALA B 47 6.83 29.89 -8.84
C ALA B 47 5.99 31.16 -8.79
N ALA B 48 4.66 31.00 -8.79
CA ALA B 48 3.75 32.14 -8.74
C ALA B 48 3.90 32.99 -7.50
N THR B 49 4.65 32.50 -6.50
CA THR B 49 4.85 33.25 -5.27
C THR B 49 6.10 34.13 -5.36
N GLY B 50 7.07 33.69 -6.15
CA GLY B 50 8.29 34.46 -6.30
C GLY B 50 9.35 34.04 -5.29
N ASP B 51 9.06 33.00 -4.52
CA ASP B 51 9.98 32.51 -3.52
C ASP B 51 10.81 31.35 -4.09
N ALA B 52 12.09 31.61 -4.33
CA ALA B 52 12.99 30.60 -4.88
C ALA B 52 13.04 29.35 -4.02
N ALA B 53 12.99 29.53 -2.70
CA ALA B 53 13.02 28.41 -1.77
C ALA B 53 11.81 27.49 -1.95
N ALA B 54 10.64 28.09 -2.14
CA ALA B 54 9.41 27.32 -2.32
C ALA B 54 9.47 26.50 -3.61
N VAL B 55 10.02 27.10 -4.66
CA VAL B 55 10.15 26.41 -5.94
C VAL B 55 11.12 25.25 -5.79
N GLN B 56 12.23 25.50 -5.09
CA GLN B 56 13.22 24.44 -4.89
C GLN B 56 12.63 23.25 -4.15
N GLU B 57 11.79 23.52 -3.16
CA GLU B 57 11.15 22.45 -2.38
C GLU B 57 10.27 21.59 -3.28
N ALA B 58 9.46 22.25 -4.11
CA ALA B 58 8.57 21.57 -5.02
C ALA B 58 9.33 20.77 -6.08
N ALA B 59 10.49 21.30 -6.48
CA ALA B 59 11.30 20.64 -7.50
C ALA B 59 12.02 19.40 -6.99
N VAL B 60 12.59 19.48 -5.81
CA VAL B 60 13.28 18.32 -5.24
C VAL B 60 12.26 17.22 -5.00
N SER B 61 11.07 17.63 -4.56
CA SER B 61 9.99 16.69 -4.31
C SER B 61 9.61 16.00 -5.62
N ALA B 62 9.49 16.79 -6.69
CA ALA B 62 9.14 16.25 -8.00
C ALA B 62 10.19 15.27 -8.51
N ILE B 63 11.46 15.64 -8.34
CA ILE B 63 12.56 14.79 -8.80
C ILE B 63 12.59 13.47 -8.05
N LEU B 64 12.60 13.54 -6.72
CA LEU B 64 12.62 12.32 -5.91
C LEU B 64 11.38 11.49 -6.18
N GLY B 65 10.24 12.16 -6.34
CA GLY B 65 9.00 11.45 -6.62
C GLY B 65 9.06 10.68 -7.92
N LEU B 66 9.59 11.30 -8.97
CA LEU B 66 9.70 10.64 -10.26
C LEU B 66 10.65 9.44 -10.15
N ILE B 67 11.73 9.60 -9.39
CA ILE B 67 12.68 8.51 -9.22
C ILE B 67 11.95 7.35 -8.53
N ILE B 68 11.19 7.67 -7.47
CA ILE B 68 10.44 6.65 -6.74
C ILE B 68 9.41 6.00 -7.67
N LEU B 69 8.80 6.82 -8.52
CA LEU B 69 7.80 6.31 -9.45
C LEU B 69 8.43 5.24 -10.37
N LEU B 70 9.69 5.42 -10.72
CA LEU B 70 10.39 4.44 -11.55
C LEU B 70 10.53 3.16 -10.75
N GLY B 71 10.90 3.30 -9.49
CA GLY B 71 11.04 2.13 -8.64
C GLY B 71 9.74 1.35 -8.56
N ILE B 72 8.64 2.08 -8.42
CA ILE B 72 7.33 1.44 -8.35
C ILE B 72 7.01 0.71 -9.66
N ASN B 73 7.17 1.41 -10.77
CA ASN B 73 6.89 0.83 -12.08
C ASN B 73 7.75 -0.42 -12.33
N LEU B 74 8.92 -0.38 -12.02
CA LEU B 74 9.85 -1.49 -12.22
C LEU B 74 9.46 -2.68 -11.35
N GLY B 75 9.09 -2.40 -10.10
CA GLY B 75 8.69 -3.47 -9.20
C GLY B 75 7.44 -4.19 -9.70
N LEU B 76 6.48 -3.41 -10.19
CA LEU B 76 5.23 -3.96 -10.71
C LEU B 76 5.50 -4.89 -11.90
N VAL B 77 6.31 -4.41 -12.84
CA VAL B 77 6.65 -5.21 -14.01
C VAL B 77 7.32 -6.52 -13.63
N ALA B 78 8.29 -6.46 -12.73
CA ALA B 78 9.02 -7.65 -12.29
C ALA B 78 8.13 -8.63 -11.55
N GLY A 2 -6.82 19.57 -5.11
CA GLY A 2 -5.51 18.89 -5.33
C GLY A 2 -5.43 17.59 -4.57
N LEU A 3 -5.12 17.68 -3.29
CA LEU A 3 -5.05 16.51 -2.44
C LEU A 3 -6.37 15.77 -2.46
N THR A 4 -7.47 16.48 -2.23
CA THR A 4 -8.77 15.84 -2.20
C THR A 4 -9.15 15.20 -3.52
N THR A 5 -8.62 15.70 -4.63
CA THR A 5 -8.92 15.10 -5.91
C THR A 5 -8.25 13.72 -5.96
N LEU A 6 -7.02 13.67 -5.46
CA LEU A 6 -6.30 12.42 -5.43
C LEU A 6 -6.97 11.45 -4.47
N PHE A 7 -7.43 11.95 -3.32
CA PHE A 7 -8.09 11.05 -2.36
C PHE A 7 -9.37 10.48 -2.98
N TRP A 8 -10.12 11.32 -3.71
CA TRP A 8 -11.34 10.86 -4.37
C TRP A 8 -11.00 9.79 -5.42
N LEU A 9 -9.88 9.97 -6.11
CA LEU A 9 -9.44 9.02 -7.13
C LEU A 9 -9.10 7.68 -6.47
N GLY A 10 -8.41 7.75 -5.33
CA GLY A 10 -8.08 6.52 -4.62
C GLY A 10 -9.36 5.82 -4.17
N ALA A 11 -10.33 6.62 -3.73
CA ALA A 11 -11.61 6.08 -3.27
C ALA A 11 -12.34 5.36 -4.39
N ILE A 12 -12.43 6.01 -5.55
CA ILE A 12 -13.10 5.43 -6.71
C ILE A 12 -12.48 4.10 -7.11
N GLY A 13 -11.15 4.05 -7.18
CA GLY A 13 -10.46 2.82 -7.51
C GLY A 13 -10.75 1.71 -6.52
N MET A 14 -10.68 2.03 -5.23
CA MET A 14 -10.98 1.03 -4.19
C MET A 14 -12.45 0.57 -4.31
N LEU A 15 -13.38 1.50 -4.49
CA LEU A 15 -14.78 1.07 -4.60
C LEU A 15 -15.00 0.23 -5.86
N VAL A 16 -14.41 0.66 -6.96
CA VAL A 16 -14.54 -0.08 -8.19
C VAL A 16 -14.02 -1.48 -7.93
N GLY A 17 -12.88 -1.56 -7.24
CA GLY A 17 -12.32 -2.86 -6.92
C GLY A 17 -13.24 -3.66 -6.03
N THR A 18 -13.74 -3.04 -4.98
CA THR A 18 -14.62 -3.73 -4.05
C THR A 18 -15.80 -4.37 -4.82
N LEU A 19 -16.50 -3.56 -5.60
CA LEU A 19 -17.63 -4.07 -6.35
C LEU A 19 -17.27 -5.21 -7.32
N ALA A 20 -16.12 -5.12 -7.97
CA ALA A 20 -15.69 -6.19 -8.88
C ALA A 20 -15.46 -7.50 -8.12
N PHE A 21 -14.81 -7.41 -6.97
CA PHE A 21 -14.56 -8.61 -6.19
C PHE A 21 -15.87 -9.19 -5.65
N ALA A 22 -16.77 -8.32 -5.19
CA ALA A 22 -18.07 -8.80 -4.67
C ALA A 22 -18.83 -9.54 -5.77
N TRP A 23 -18.80 -8.99 -6.99
CA TRP A 23 -19.49 -9.60 -8.12
C TRP A 23 -18.83 -10.94 -8.48
N ALA A 24 -17.51 -10.92 -8.62
CA ALA A 24 -16.75 -12.12 -8.99
C ALA A 24 -17.03 -13.30 -8.06
N GLY A 25 -17.34 -13.02 -6.80
CA GLY A 25 -17.63 -14.11 -5.89
C GLY A 25 -19.09 -14.24 -5.51
N ARG A 26 -20.00 -13.75 -6.35
CA ARG A 26 -21.44 -13.81 -6.06
C ARG A 26 -21.96 -15.20 -5.68
N ASP A 27 -21.62 -16.21 -6.47
CA ASP A 27 -22.03 -17.57 -6.17
C ASP A 27 -20.82 -18.50 -6.16
N ALA A 28 -20.35 -18.83 -4.97
CA ALA A 28 -19.17 -19.68 -4.82
C ALA A 28 -19.21 -20.50 -3.53
N GLY A 29 -18.56 -21.66 -3.55
CA GLY A 29 -18.51 -22.53 -2.39
C GLY A 29 -17.80 -21.89 -1.22
N SER A 30 -18.21 -22.22 0.01
CA SER A 30 -17.62 -21.66 1.21
C SER A 30 -16.10 -21.71 1.16
N GLY A 31 -15.56 -22.78 0.59
CA GLY A 31 -14.13 -22.93 0.47
C GLY A 31 -13.50 -21.71 -0.18
N GLU A 32 -13.85 -21.48 -1.44
CA GLU A 32 -13.32 -20.36 -2.19
C GLU A 32 -13.86 -19.01 -1.71
N ARG A 33 -15.10 -19.01 -1.23
CA ARG A 33 -15.74 -17.76 -0.79
C ARG A 33 -14.98 -16.91 0.22
N ARG A 34 -14.27 -17.53 1.15
CA ARG A 34 -13.49 -16.80 2.15
C ARG A 34 -12.45 -15.87 1.47
N TYR A 35 -11.99 -16.28 0.30
CA TYR A 35 -11.02 -15.51 -0.44
C TYR A 35 -11.64 -14.23 -1.02
N TYR A 36 -12.83 -14.36 -1.61
CA TYR A 36 -13.55 -13.22 -2.19
C TYR A 36 -13.95 -12.23 -1.11
N VAL A 37 -14.37 -12.78 0.01
CA VAL A 37 -14.79 -11.99 1.16
C VAL A 37 -13.63 -11.10 1.64
N THR A 38 -12.45 -11.69 1.73
CA THR A 38 -11.27 -10.97 2.19
C THR A 38 -10.93 -9.80 1.25
N LEU A 39 -10.96 -10.05 -0.05
CA LEU A 39 -10.67 -9.02 -1.04
C LEU A 39 -11.64 -7.85 -0.92
N VAL A 40 -12.92 -8.17 -0.74
CA VAL A 40 -13.92 -7.12 -0.57
C VAL A 40 -13.62 -6.31 0.69
N GLY A 41 -13.22 -7.01 1.75
CA GLY A 41 -12.90 -6.34 3.00
C GLY A 41 -11.69 -5.44 2.87
N ILE A 42 -10.67 -5.92 2.18
CA ILE A 42 -9.45 -5.14 1.99
C ILE A 42 -9.68 -3.83 1.24
N SER A 43 -10.25 -3.89 0.04
CA SER A 43 -10.45 -2.65 -0.70
C SER A 43 -11.60 -1.81 -0.15
N GLY A 44 -12.54 -2.45 0.52
CA GLY A 44 -13.68 -1.74 1.10
C GLY A 44 -13.29 -0.84 2.26
N ILE A 45 -12.38 -1.30 3.10
CA ILE A 45 -11.90 -0.51 4.21
C ILE A 45 -11.03 0.61 3.61
N ALA A 46 -10.25 0.26 2.61
CA ALA A 46 -9.40 1.25 1.92
C ALA A 46 -10.29 2.36 1.34
N ALA A 47 -11.41 1.96 0.74
CA ALA A 47 -12.35 2.91 0.15
C ALA A 47 -12.88 3.90 1.18
N VAL A 48 -13.17 3.42 2.39
CA VAL A 48 -13.66 4.28 3.46
C VAL A 48 -12.59 5.29 3.89
N ALA A 49 -11.37 4.81 4.12
CA ALA A 49 -10.29 5.71 4.53
C ALA A 49 -10.07 6.81 3.46
N TYR A 50 -10.12 6.44 2.18
CA TYR A 50 -9.92 7.47 1.16
C TYR A 50 -11.08 8.47 1.14
N VAL A 51 -12.30 7.98 1.34
CA VAL A 51 -13.45 8.90 1.38
C VAL A 51 -13.35 9.83 2.59
N VAL A 52 -12.92 9.30 3.73
CA VAL A 52 -12.79 10.13 4.92
C VAL A 52 -11.73 11.21 4.65
N MET A 53 -10.61 10.83 4.04
CA MET A 53 -9.58 11.82 3.73
C MET A 53 -10.06 12.80 2.66
N ALA A 54 -10.78 12.30 1.65
CA ALA A 54 -11.32 13.16 0.59
C ALA A 54 -12.23 14.26 1.17
N LEU A 55 -12.92 13.95 2.26
CA LEU A 55 -13.80 14.91 2.92
C LEU A 55 -13.04 15.82 3.89
N GLY A 56 -11.72 15.75 3.85
CA GLY A 56 -10.90 16.58 4.73
C GLY A 56 -11.00 16.23 6.20
N VAL A 57 -11.06 14.94 6.49
CA VAL A 57 -11.15 14.51 7.87
C VAL A 57 -9.91 13.65 8.18
N GLY A 58 -9.34 13.84 9.37
CA GLY A 58 -8.16 13.06 9.74
C GLY A 58 -6.86 13.66 9.25
N TRP A 59 -6.89 14.93 8.85
CA TRP A 59 -5.67 15.60 8.40
C TRP A 59 -5.01 16.11 9.65
N VAL A 60 -3.76 15.72 9.90
CA VAL A 60 -3.06 16.16 11.10
C VAL A 60 -1.90 17.09 10.74
N PRO A 61 -2.15 18.40 10.73
CA PRO A 61 -1.16 19.43 10.41
C PRO A 61 -0.49 19.94 11.67
N VAL A 62 0.68 19.38 11.97
CA VAL A 62 1.45 19.77 13.16
C VAL A 62 2.92 19.40 12.97
N ALA A 63 3.79 20.11 13.69
CA ALA A 63 5.23 19.87 13.61
C ALA A 63 5.73 20.23 12.22
N GLU A 64 5.04 21.18 11.58
CA GLU A 64 5.40 21.69 10.27
C GLU A 64 5.08 20.74 9.10
N ARG A 65 4.55 19.56 9.42
CA ARG A 65 4.20 18.62 8.36
C ARG A 65 2.72 18.22 8.50
N THR A 66 2.21 17.50 7.50
CA THR A 66 0.83 17.02 7.56
C THR A 66 0.83 15.51 7.42
N VAL A 67 0.20 14.83 8.38
CA VAL A 67 0.08 13.38 8.36
C VAL A 67 -1.42 13.11 8.21
N PHE A 68 -1.77 12.01 7.57
CA PHE A 68 -3.18 11.67 7.35
C PHE A 68 -3.51 10.43 8.15
N ALA A 69 -4.14 10.64 9.30
CA ALA A 69 -4.46 9.53 10.21
C ALA A 69 -5.21 8.36 9.58
N PRO A 70 -6.20 8.62 8.72
CA PRO A 70 -6.93 7.49 8.10
C PRO A 70 -6.04 6.56 7.29
N ARG A 71 -4.95 7.10 6.76
CA ARG A 71 -4.03 6.28 5.98
C ARG A 71 -3.44 5.20 6.88
N TYR A 72 -2.87 5.61 8.01
CA TYR A 72 -2.28 4.63 8.94
C TYR A 72 -3.30 3.68 9.54
N ILE A 73 -4.54 4.15 9.74
CA ILE A 73 -5.59 3.29 10.29
C ILE A 73 -5.94 2.19 9.29
N ASP A 74 -6.10 2.56 8.02
CA ASP A 74 -6.40 1.60 6.97
C ASP A 74 -5.28 0.55 6.90
N TRP A 75 -4.01 0.97 6.90
CA TRP A 75 -2.93 -0.02 6.83
C TRP A 75 -2.98 -1.01 7.99
N ILE A 76 -3.23 -0.48 9.17
CA ILE A 76 -3.31 -1.32 10.37
C ILE A 76 -4.35 -2.40 10.16
N LEU A 77 -5.48 -2.03 9.55
CA LEU A 77 -6.60 -2.95 9.31
C LEU A 77 -6.62 -3.78 8.03
N THR A 78 -6.08 -3.28 6.92
CA THR A 78 -6.11 -4.06 5.69
C THR A 78 -4.87 -4.95 5.44
N THR A 79 -3.68 -4.54 5.86
CA THR A 79 -2.52 -5.39 5.62
C THR A 79 -2.64 -6.74 6.34
N PRO A 80 -3.24 -6.78 7.54
CA PRO A 80 -3.34 -8.11 8.12
C PRO A 80 -4.29 -9.00 7.30
N LEU A 81 -5.24 -8.39 6.59
CA LEU A 81 -6.16 -9.17 5.75
C LEU A 81 -5.42 -9.65 4.50
N ILE A 82 -4.47 -8.85 4.03
CA ILE A 82 -3.66 -9.25 2.87
C ILE A 82 -2.79 -10.42 3.34
N VAL A 83 -2.20 -10.28 4.52
CA VAL A 83 -1.38 -11.37 5.07
C VAL A 83 -2.26 -12.61 5.27
N TYR A 84 -3.49 -12.37 5.72
CA TYR A 84 -4.44 -13.47 5.96
C TYR A 84 -4.73 -14.22 4.64
N PHE A 85 -5.06 -13.47 3.60
CA PHE A 85 -5.32 -14.02 2.27
C PHE A 85 -4.12 -14.91 1.85
N LEU A 86 -2.92 -14.37 1.97
CA LEU A 86 -1.71 -15.13 1.61
C LEU A 86 -1.53 -16.36 2.48
N GLY A 87 -1.79 -16.21 3.78
CA GLY A 87 -1.69 -17.35 4.69
C GLY A 87 -2.66 -18.45 4.32
N LEU A 88 -3.85 -18.08 3.83
CA LEU A 88 -4.86 -19.04 3.41
C LEU A 88 -4.38 -19.82 2.19
N LEU A 89 -3.74 -19.12 1.27
CA LEU A 89 -3.21 -19.75 0.07
C LEU A 89 -2.07 -20.68 0.46
N ALA A 90 -1.24 -20.21 1.41
CA ALA A 90 -0.10 -21.01 1.85
C ALA A 90 -0.53 -22.19 2.73
N GLY A 91 -1.75 -22.12 3.26
CA GLY A 91 -2.25 -23.19 4.10
C GLY A 91 -1.69 -23.15 5.53
N LEU A 92 -1.58 -21.97 6.10
CA LEU A 92 -1.06 -21.84 7.45
C LEU A 92 -2.01 -22.36 8.52
N ASP A 93 -1.42 -22.73 9.66
CA ASP A 93 -2.17 -23.20 10.82
C ASP A 93 -2.31 -21.99 11.74
N SER A 94 -3.05 -22.16 12.83
CA SER A 94 -3.29 -21.10 13.81
C SER A 94 -2.01 -20.43 14.32
N ARG A 95 -1.02 -21.23 14.68
CA ARG A 95 0.24 -20.72 15.20
C ARG A 95 0.94 -19.82 14.19
N GLU A 96 1.13 -20.34 12.98
CA GLU A 96 1.80 -19.62 11.90
C GLU A 96 1.10 -18.31 11.56
N PHE A 97 -0.24 -18.31 11.51
CA PHE A 97 -0.99 -17.10 11.22
C PHE A 97 -0.71 -16.08 12.34
N GLY A 98 -0.63 -16.58 13.57
CA GLY A 98 -0.40 -15.71 14.71
C GLY A 98 0.90 -14.94 14.57
N ILE A 99 1.94 -15.65 14.19
CA ILE A 99 3.26 -15.04 14.00
C ILE A 99 3.29 -13.96 12.91
N VAL A 100 2.75 -14.26 11.74
CA VAL A 100 2.81 -13.25 10.68
C VAL A 100 1.88 -12.06 10.91
N ILE A 101 0.77 -12.29 11.59
CA ILE A 101 -0.14 -11.19 11.90
C ILE A 101 0.50 -10.30 12.97
N THR A 102 1.22 -10.92 13.90
CA THR A 102 1.90 -10.18 14.94
C THR A 102 2.99 -9.29 14.34
N LEU A 103 3.79 -9.88 13.46
CA LEU A 103 4.86 -9.11 12.82
C LEU A 103 4.25 -7.94 12.06
N ASN A 104 3.24 -8.26 11.25
CA ASN A 104 2.56 -7.25 10.45
C ASN A 104 2.05 -6.09 11.30
N THR A 105 1.45 -6.44 12.43
CA THR A 105 0.87 -5.42 13.27
C THR A 105 1.88 -4.48 13.90
N VAL A 106 3.07 -5.00 14.20
CA VAL A 106 4.12 -4.17 14.77
C VAL A 106 4.55 -3.16 13.70
N VAL A 107 4.73 -3.64 12.49
CA VAL A 107 5.13 -2.77 11.38
C VAL A 107 4.15 -1.58 11.29
N MET A 108 2.86 -1.87 11.22
CA MET A 108 1.86 -0.83 11.07
C MET A 108 1.66 0.12 12.25
N LEU A 109 1.69 -0.40 13.47
CA LEU A 109 1.53 0.44 14.65
C LEU A 109 2.76 1.33 14.79
N ALA A 110 3.91 0.79 14.41
CA ALA A 110 5.16 1.51 14.48
C ALA A 110 5.12 2.70 13.52
N GLY A 111 4.63 2.47 12.30
CA GLY A 111 4.54 3.55 11.33
C GLY A 111 3.50 4.60 11.69
N PHE A 112 2.40 4.15 12.28
CA PHE A 112 1.34 5.08 12.69
C PHE A 112 1.86 5.93 13.85
N ALA A 113 2.52 5.28 14.81
CA ALA A 113 3.05 5.97 15.98
C ALA A 113 4.18 6.92 15.58
N GLY A 114 5.05 6.49 14.69
CA GLY A 114 6.16 7.34 14.27
C GLY A 114 5.68 8.61 13.57
N ALA A 115 4.61 8.48 12.79
CA ALA A 115 4.07 9.62 12.06
C ALA A 115 3.46 10.68 12.98
N MET A 116 2.92 10.24 14.12
CA MET A 116 2.29 11.15 15.05
C MET A 116 3.25 11.81 16.03
N VAL A 117 4.47 11.32 16.08
CA VAL A 117 5.45 11.87 17.01
C VAL A 117 6.50 12.77 16.37
N PRO A 118 6.56 14.03 16.82
CA PRO A 118 7.55 14.96 16.25
C PRO A 118 8.88 14.60 16.95
N GLY A 119 10.00 14.98 16.36
CA GLY A 119 11.26 14.67 16.99
C GLY A 119 11.85 13.36 16.52
N ILE A 120 13.17 13.25 16.65
CA ILE A 120 13.91 12.06 16.21
C ILE A 120 13.51 10.71 16.80
N GLU A 121 12.77 10.72 17.90
CA GLU A 121 12.36 9.47 18.50
C GLU A 121 11.37 8.75 17.55
N ARG A 122 10.93 9.46 16.51
CA ARG A 122 10.02 8.83 15.57
C ARG A 122 10.82 7.85 14.71
N TYR A 123 12.13 8.05 14.65
CA TYR A 123 12.99 7.15 13.89
C TYR A 123 13.21 5.84 14.64
N ALA A 124 13.08 5.88 15.97
CA ALA A 124 13.20 4.66 16.78
C ALA A 124 11.95 3.83 16.48
N LEU A 125 10.82 4.52 16.36
CA LEU A 125 9.58 3.83 16.02
C LEU A 125 9.74 3.24 14.62
N PHE A 126 10.27 4.03 13.68
CA PHE A 126 10.47 3.53 12.32
C PHE A 126 11.31 2.25 12.33
N GLY A 127 12.40 2.27 13.09
CA GLY A 127 13.28 1.11 13.17
C GLY A 127 12.60 -0.13 13.71
N MET A 128 11.66 0.08 14.63
CA MET A 128 10.90 -1.01 15.21
C MET A 128 10.10 -1.71 14.13
N GLY A 129 9.47 -0.92 13.26
CA GLY A 129 8.70 -1.49 12.17
C GLY A 129 9.56 -2.04 11.04
N ALA A 130 10.71 -1.43 10.78
CA ALA A 130 11.58 -1.92 9.70
C ALA A 130 12.12 -3.32 10.02
N VAL A 131 12.50 -3.55 11.27
CA VAL A 131 13.00 -4.85 11.69
C VAL A 131 11.86 -5.89 11.66
N ALA A 132 10.68 -5.51 12.14
CA ALA A 132 9.52 -6.40 12.13
C ALA A 132 9.16 -6.73 10.68
N PHE A 133 9.34 -5.76 9.79
CA PHE A 133 9.06 -5.99 8.37
C PHE A 133 10.02 -7.03 7.79
N LEU A 134 11.29 -6.97 8.19
CA LEU A 134 12.24 -7.97 7.67
C LEU A 134 11.82 -9.35 8.17
N GLY A 135 11.34 -9.42 9.40
CA GLY A 135 10.87 -10.70 9.92
C GLY A 135 9.67 -11.18 9.09
N LEU A 136 8.77 -10.27 8.75
CA LEU A 136 7.59 -10.62 7.97
C LEU A 136 8.02 -11.16 6.58
N VAL A 137 8.89 -10.42 5.90
CA VAL A 137 9.37 -10.84 4.59
C VAL A 137 10.00 -12.23 4.68
N TYR A 138 10.82 -12.45 5.71
CA TYR A 138 11.44 -13.77 5.89
C TYR A 138 10.36 -14.86 5.94
N TYR A 139 9.28 -14.59 6.68
CA TYR A 139 8.20 -15.56 6.79
C TYR A 139 7.51 -15.83 5.47
N LEU A 140 7.27 -14.77 4.70
CA LEU A 140 6.58 -14.89 3.42
C LEU A 140 7.41 -15.65 2.37
N VAL A 141 8.70 -15.35 2.34
CA VAL A 141 9.59 -15.95 1.37
C VAL A 141 10.10 -17.33 1.76
N GLY A 142 10.11 -17.62 3.06
CA GLY A 142 10.61 -18.90 3.50
C GLY A 142 9.53 -19.90 3.91
N PRO A 143 9.26 -20.02 5.21
CA PRO A 143 8.25 -20.93 5.77
C PRO A 143 6.85 -20.89 5.13
N MET A 144 6.42 -19.74 4.64
CA MET A 144 5.11 -19.67 4.01
C MET A 144 5.17 -20.18 2.57
N THR A 145 6.33 -20.04 1.94
CA THR A 145 6.47 -20.50 0.56
C THR A 145 6.60 -22.03 0.56
N GLU A 146 7.28 -22.55 1.58
CA GLU A 146 7.46 -23.98 1.73
C GLU A 146 6.10 -24.56 2.07
N SER A 147 5.31 -23.80 2.82
CA SER A 147 3.97 -24.24 3.20
C SER A 147 3.09 -24.28 1.95
N ALA A 148 3.27 -23.30 1.07
CA ALA A 148 2.50 -23.22 -0.16
C ALA A 148 2.88 -24.34 -1.14
N SER A 149 4.12 -24.82 -1.01
CA SER A 149 4.65 -25.88 -1.86
C SER A 149 4.04 -27.26 -1.58
N GLN A 150 3.15 -27.35 -0.61
CA GLN A 150 2.53 -28.64 -0.32
C GLN A 150 1.13 -28.70 -0.96
N ARG A 151 0.68 -27.58 -1.51
CA ARG A 151 -0.63 -27.52 -2.15
C ARG A 151 -0.48 -27.69 -3.66
N SER A 152 -1.56 -27.50 -4.41
CA SER A 152 -1.48 -27.69 -5.87
C SER A 152 -0.52 -26.71 -6.55
N SER A 153 -0.14 -27.03 -7.78
CA SER A 153 0.76 -26.18 -8.53
C SER A 153 0.11 -24.82 -8.81
N GLY A 154 -1.20 -24.82 -8.98
CA GLY A 154 -1.92 -23.60 -9.24
C GLY A 154 -1.92 -22.67 -8.02
N ILE A 155 -2.17 -23.23 -6.85
CA ILE A 155 -2.18 -22.46 -5.61
C ILE A 155 -0.75 -21.98 -5.32
N LYS A 156 0.21 -22.90 -5.42
CA LYS A 156 1.61 -22.55 -5.22
C LYS A 156 1.96 -21.41 -6.18
N SER A 157 1.50 -21.55 -7.43
CA SER A 157 1.73 -20.56 -8.49
C SER A 157 1.11 -19.19 -8.18
N LEU A 158 -0.09 -19.19 -7.63
CA LEU A 158 -0.74 -17.94 -7.29
C LEU A 158 -0.06 -17.30 -6.08
N TYR A 159 0.29 -18.12 -5.11
CA TYR A 159 0.93 -17.61 -3.91
C TYR A 159 2.23 -16.90 -4.25
N VAL A 160 3.04 -17.52 -5.11
CA VAL A 160 4.30 -16.94 -5.48
C VAL A 160 4.17 -15.60 -6.18
N ARG A 161 3.24 -15.48 -7.11
CA ARG A 161 2.89 -14.14 -7.78
C ARG A 161 2.50 -13.12 -6.88
N LEU A 162 1.65 -13.51 -5.95
CA LEU A 162 1.06 -12.56 -5.01
C LEU A 162 2.10 -12.21 -3.94
N ARG A 163 2.90 -13.19 -3.57
CA ARG A 163 3.96 -12.99 -2.59
C ARG A 163 4.97 -11.99 -3.17
N ASN A 164 5.37 -12.21 -4.42
CA ASN A 164 6.35 -11.34 -5.09
C ASN A 164 5.85 -9.91 -5.21
N LEU A 165 4.60 -9.77 -5.66
CA LEU A 165 4.00 -8.45 -5.79
C LEU A 165 4.07 -7.73 -4.44
N THR A 166 3.68 -8.46 -3.40
CA THR A 166 3.64 -7.95 -2.02
C THR A 166 5.00 -7.59 -1.46
N VAL A 167 5.94 -8.52 -1.50
CA VAL A 167 7.26 -8.22 -0.97
C VAL A 167 7.86 -6.99 -1.64
N ILE A 168 7.96 -7.01 -2.96
CA ILE A 168 8.53 -5.90 -3.69
C ILE A 168 7.85 -4.55 -3.47
N LEU A 169 6.53 -4.50 -3.59
CA LEU A 169 5.87 -3.21 -3.44
C LEU A 169 5.79 -2.69 -2.01
N TRP A 170 5.61 -3.56 -1.03
CA TRP A 170 5.56 -3.13 0.37
C TRP A 170 6.92 -2.55 0.78
N ALA A 171 7.99 -3.09 0.20
CA ALA A 171 9.35 -2.63 0.51
C ALA A 171 9.55 -1.17 0.10
N ILE A 172 8.63 -0.65 -0.70
CA ILE A 172 8.71 0.72 -1.16
C ILE A 172 8.07 1.71 -0.18
N TYR A 173 7.05 1.27 0.57
CA TYR A 173 6.41 2.17 1.52
C TYR A 173 7.36 2.84 2.54
N PRO A 174 8.32 2.09 3.10
CA PRO A 174 9.21 2.76 4.07
C PRO A 174 10.09 3.88 3.50
N PHE A 175 10.40 3.84 2.20
CA PHE A 175 11.20 4.91 1.59
C PHE A 175 10.35 6.17 1.48
N ILE A 176 9.09 5.97 1.10
CA ILE A 176 8.18 7.10 0.98
C ILE A 176 7.92 7.66 2.38
N TRP A 177 7.85 6.80 3.38
CA TRP A 177 7.63 7.27 4.76
C TRP A 177 8.86 8.09 5.18
N LEU A 178 10.05 7.52 4.98
CA LEU A 178 11.30 8.19 5.35
C LEU A 178 11.56 9.49 4.57
N LEU A 179 11.29 9.47 3.28
CA LEU A 179 11.53 10.65 2.45
C LEU A 179 10.40 11.66 2.51
N GLY A 180 9.21 11.16 2.83
CA GLY A 180 8.05 12.02 2.90
C GLY A 180 7.86 12.74 4.21
N PRO A 181 6.69 13.37 4.41
CA PRO A 181 6.28 14.13 5.60
C PRO A 181 6.61 13.47 6.95
N PRO A 182 6.35 12.17 7.10
CA PRO A 182 6.65 11.52 8.39
C PRO A 182 8.16 11.54 8.71
N GLY A 183 8.99 11.43 7.67
CA GLY A 183 10.44 11.40 7.85
C GLY A 183 11.19 12.70 7.63
N VAL A 184 11.97 12.80 6.53
CA VAL A 184 12.74 14.02 6.29
C VAL A 184 11.97 15.06 5.50
N ALA A 185 10.80 14.70 4.99
CA ALA A 185 9.96 15.62 4.25
C ALA A 185 10.60 16.23 3.00
N LEU A 186 11.20 15.38 2.17
CA LEU A 186 11.79 15.82 0.90
C LEU A 186 10.70 15.67 -0.18
N LEU A 187 9.66 14.92 0.17
CA LEU A 187 8.51 14.72 -0.70
C LEU A 187 7.45 15.61 -0.10
N THR A 188 6.71 16.33 -0.94
CA THR A 188 5.64 17.17 -0.42
C THR A 188 4.42 16.27 -0.24
N PRO A 189 3.39 16.75 0.47
CA PRO A 189 2.17 15.96 0.67
C PRO A 189 1.52 15.48 -0.63
N THR A 190 1.41 16.37 -1.61
CA THR A 190 0.79 16.00 -2.87
C THR A 190 1.55 14.88 -3.60
N VAL A 191 2.87 14.94 -3.60
CA VAL A 191 3.69 13.93 -4.24
C VAL A 191 3.61 12.63 -3.44
N ASP A 192 3.82 12.70 -2.13
CA ASP A 192 3.70 11.50 -1.28
C ASP A 192 2.32 10.82 -1.48
N VAL A 193 1.25 11.60 -1.45
CA VAL A 193 -0.11 11.06 -1.62
C VAL A 193 -0.34 10.40 -2.98
N ALA A 194 0.14 11.05 -4.04
CA ALA A 194 -0.03 10.51 -5.39
C ALA A 194 0.68 9.15 -5.48
N LEU A 195 1.86 9.07 -4.89
CA LEU A 195 2.62 7.83 -4.89
C LEU A 195 1.94 6.72 -4.10
N ILE A 196 1.42 7.07 -2.93
CA ILE A 196 0.78 6.06 -2.09
C ILE A 196 -0.54 5.62 -2.71
N VAL A 197 -1.28 6.54 -3.30
CA VAL A 197 -2.54 6.17 -3.94
C VAL A 197 -2.28 5.11 -5.02
N TYR A 198 -1.22 5.32 -5.79
CA TYR A 198 -0.85 4.40 -6.87
C TYR A 198 -0.42 3.05 -6.30
N LEU A 199 0.47 3.07 -5.30
CA LEU A 199 0.91 1.83 -4.66
C LEU A 199 -0.29 1.08 -4.04
N ASP A 200 -1.16 1.83 -3.38
CA ASP A 200 -2.33 1.23 -2.73
C ASP A 200 -3.23 0.52 -3.75
N LEU A 201 -3.49 1.16 -4.89
CA LEU A 201 -4.36 0.54 -5.89
C LEU A 201 -3.73 -0.76 -6.43
N VAL A 202 -2.41 -0.77 -6.56
CA VAL A 202 -1.72 -1.96 -7.05
C VAL A 202 -1.66 -3.08 -6.01
N THR A 203 -1.26 -2.74 -4.78
CA THR A 203 -1.12 -3.75 -3.74
C THR A 203 -2.43 -4.33 -3.22
N LYS A 204 -3.54 -3.60 -3.36
CA LYS A 204 -4.86 -4.10 -2.92
C LYS A 204 -5.74 -4.52 -4.10
N VAL A 205 -6.06 -3.59 -4.99
CA VAL A 205 -6.90 -3.92 -6.14
C VAL A 205 -6.18 -4.75 -7.18
N GLY A 206 -4.91 -4.41 -7.47
CA GLY A 206 -4.14 -5.18 -8.43
C GLY A 206 -3.97 -6.60 -7.91
N PHE A 207 -3.66 -6.68 -6.61
CA PHE A 207 -3.50 -7.94 -5.89
C PHE A 207 -4.76 -8.79 -6.15
N GLY A 208 -5.92 -8.18 -5.93
CA GLY A 208 -7.19 -8.87 -6.12
C GLY A 208 -7.47 -9.35 -7.54
N PHE A 209 -7.22 -8.51 -8.53
CA PHE A 209 -7.47 -8.92 -9.90
C PHE A 209 -6.56 -10.05 -10.34
N ILE A 210 -5.33 -10.09 -9.81
CA ILE A 210 -4.42 -11.18 -10.11
C ILE A 210 -5.08 -12.46 -9.57
N ALA A 211 -5.65 -12.37 -8.37
CA ALA A 211 -6.32 -13.52 -7.79
C ALA A 211 -7.57 -13.88 -8.62
N LEU A 212 -8.34 -12.88 -9.00
CA LEU A 212 -9.53 -13.12 -9.81
C LEU A 212 -9.23 -13.86 -11.12
N ASP A 213 -8.14 -13.49 -11.78
CA ASP A 213 -7.78 -14.15 -13.04
C ASP A 213 -7.24 -15.58 -12.90
N ALA A 214 -6.88 -15.96 -11.68
CA ALA A 214 -6.36 -17.31 -11.44
C ALA A 214 -7.46 -18.28 -11.04
N ALA A 215 -8.57 -17.74 -10.55
CA ALA A 215 -9.71 -18.52 -10.06
C ALA A 215 -10.18 -19.68 -10.93
N ALA A 216 -10.46 -19.39 -12.20
CA ALA A 216 -10.93 -20.39 -13.15
C ALA A 216 -9.97 -21.56 -13.31
N THR A 217 -8.68 -21.25 -13.42
CA THR A 217 -7.64 -22.27 -13.56
C THR A 217 -7.51 -23.10 -12.29
N LEU A 218 -7.82 -22.48 -11.15
CA LEU A 218 -7.75 -23.19 -9.87
C LEU A 218 -8.94 -24.14 -9.75
N ARG A 219 -10.08 -23.76 -10.30
CA ARG A 219 -11.26 -24.62 -10.23
C ARG A 219 -11.01 -25.85 -11.12
N ALA A 220 -10.47 -25.59 -12.31
CA ALA A 220 -10.17 -26.62 -13.30
C ALA A 220 -9.20 -27.69 -12.82
N GLU A 221 -8.25 -27.33 -11.96
CA GLU A 221 -7.31 -28.34 -11.48
C GLU A 221 -7.93 -29.29 -10.47
N VAL B 28 2.20 1.68 -17.03
CA VAL B 28 3.23 2.47 -16.35
C VAL B 28 3.70 3.62 -17.23
N GLY B 29 3.47 3.50 -18.54
CA GLY B 29 3.89 4.54 -19.46
C GLY B 29 3.03 5.80 -19.42
N ALA B 30 1.72 5.64 -19.28
CA ALA B 30 0.83 6.78 -19.24
C ALA B 30 0.82 7.46 -17.87
N LEU B 31 0.94 6.68 -16.80
CA LEU B 31 0.93 7.22 -15.45
C LEU B 31 2.16 8.08 -15.16
N THR B 32 3.31 7.67 -15.67
CA THR B 32 4.53 8.44 -15.45
C THR B 32 4.28 9.85 -15.96
N VAL B 33 3.56 9.96 -17.07
CA VAL B 33 3.25 11.26 -17.63
C VAL B 33 2.17 11.93 -16.79
N LEU B 34 1.41 11.09 -16.09
CA LEU B 34 0.34 11.59 -15.22
C LEU B 34 0.99 12.29 -14.01
N PHE B 35 2.01 11.65 -13.46
CA PHE B 35 2.73 12.17 -12.30
C PHE B 35 3.48 13.47 -12.65
N GLY B 36 4.02 13.51 -13.85
CA GLY B 36 4.75 14.70 -14.27
C GLY B 36 3.92 15.96 -14.24
N ALA B 37 2.75 15.93 -14.87
CA ALA B 37 1.91 17.12 -14.90
C ALA B 37 1.61 17.59 -13.48
N ILE B 38 1.26 16.65 -12.60
CA ILE B 38 0.96 16.98 -11.21
C ILE B 38 2.20 17.58 -10.55
N ALA B 39 3.37 17.07 -10.88
CA ALA B 39 4.61 17.60 -10.33
C ALA B 39 4.83 19.01 -10.89
N TYR B 40 4.49 19.19 -12.17
CA TYR B 40 4.62 20.48 -12.82
C TYR B 40 3.65 21.48 -12.19
N GLY B 41 2.42 21.03 -11.97
CA GLY B 41 1.44 21.89 -11.35
C GLY B 41 1.95 22.43 -10.03
N GLU B 42 2.59 21.55 -9.25
CA GLU B 42 3.14 21.96 -7.96
C GLU B 42 4.25 22.96 -8.13
N VAL B 43 5.08 22.75 -9.15
CA VAL B 43 6.18 23.68 -9.42
C VAL B 43 5.52 24.97 -9.90
N THR B 44 4.52 24.83 -10.76
CA THR B 44 3.76 25.96 -11.31
C THR B 44 3.30 26.88 -10.17
N ALA B 45 2.57 26.32 -9.23
CA ALA B 45 2.04 27.05 -8.09
C ALA B 45 3.13 27.70 -7.25
N ALA B 46 4.17 26.92 -6.92
CA ALA B 46 5.26 27.45 -6.12
C ALA B 46 5.88 28.67 -6.80
N ALA B 47 6.02 28.60 -8.12
CA ALA B 47 6.59 29.72 -8.85
C ALA B 47 5.64 30.91 -8.76
N ALA B 48 4.35 30.59 -8.68
CA ALA B 48 3.32 31.61 -8.59
C ALA B 48 3.35 32.32 -7.23
N THR B 49 4.48 32.23 -6.53
CA THR B 49 4.63 32.90 -5.24
C THR B 49 5.94 33.66 -5.22
N GLY B 50 6.64 33.64 -6.35
CA GLY B 50 7.92 34.32 -6.46
C GLY B 50 8.93 33.95 -5.39
N ASP B 51 8.74 32.80 -4.76
CA ASP B 51 9.67 32.35 -3.72
C ASP B 51 10.54 31.21 -4.21
N ALA B 52 11.85 31.46 -4.33
CA ALA B 52 12.79 30.45 -4.80
C ALA B 52 12.75 29.19 -3.92
N ALA B 53 12.84 29.40 -2.61
CA ALA B 53 12.81 28.30 -1.64
C ALA B 53 11.64 27.36 -1.86
N ALA B 54 10.46 27.92 -2.08
CA ALA B 54 9.25 27.12 -2.30
C ALA B 54 9.36 26.29 -3.59
N VAL B 55 9.83 26.92 -4.66
CA VAL B 55 9.96 26.22 -5.93
C VAL B 55 10.99 25.11 -5.80
N GLN B 56 12.11 25.41 -5.16
CA GLN B 56 13.15 24.41 -4.97
C GLN B 56 12.59 23.22 -4.18
N GLU B 57 11.77 23.52 -3.16
CA GLU B 57 11.15 22.48 -2.35
C GLU B 57 10.24 21.62 -3.22
N ALA B 58 9.43 22.26 -4.05
CA ALA B 58 8.53 21.56 -4.94
C ALA B 58 9.30 20.76 -6.00
N ALA B 59 10.45 21.27 -6.42
CA ALA B 59 11.26 20.60 -7.44
C ALA B 59 11.96 19.36 -6.92
N VAL B 60 12.48 19.42 -5.71
CA VAL B 60 13.16 18.26 -5.15
C VAL B 60 12.14 17.14 -4.95
N SER B 61 10.95 17.53 -4.49
CA SER B 61 9.85 16.58 -4.27
C SER B 61 9.50 15.86 -5.57
N ALA B 62 9.43 16.61 -6.66
CA ALA B 62 9.10 16.05 -7.97
C ALA B 62 10.18 15.09 -8.47
N ILE B 63 11.43 15.51 -8.38
CA ILE B 63 12.56 14.68 -8.80
C ILE B 63 12.58 13.38 -8.00
N LEU B 64 12.53 13.50 -6.67
CA LEU B 64 12.51 12.30 -5.84
C LEU B 64 11.27 11.47 -6.15
N GLY B 65 10.15 12.15 -6.37
CA GLY B 65 8.92 11.43 -6.67
C GLY B 65 9.04 10.64 -7.95
N LEU B 66 9.53 11.27 -9.02
CA LEU B 66 9.70 10.59 -10.29
C LEU B 66 10.67 9.42 -10.15
N ILE B 67 11.74 9.60 -9.38
CA ILE B 67 12.68 8.52 -9.18
C ILE B 67 11.96 7.32 -8.50
N ILE B 68 11.17 7.60 -7.47
CA ILE B 68 10.43 6.52 -6.77
C ILE B 68 9.44 5.85 -7.71
N LEU B 69 8.78 6.65 -8.55
CA LEU B 69 7.82 6.11 -9.49
C LEU B 69 8.49 5.04 -10.38
N LEU B 70 9.82 5.06 -10.46
CA LEU B 70 10.59 4.08 -11.23
C LEU B 70 10.57 2.75 -10.46
N GLY B 71 10.92 2.84 -9.19
CA GLY B 71 10.92 1.64 -8.36
C GLY B 71 9.57 0.98 -8.45
N ILE B 72 8.51 1.76 -8.35
CA ILE B 72 7.17 1.21 -8.42
C ILE B 72 6.95 0.53 -9.76
N ASN B 73 7.29 1.21 -10.85
CA ASN B 73 7.11 0.65 -12.17
C ASN B 73 7.82 -0.69 -12.37
N LEU B 74 9.36 -0.56 -12.12
CA LEU B 74 10.28 -1.68 -12.25
C LEU B 74 9.85 -2.84 -11.35
N GLY B 75 9.78 -2.58 -10.05
CA GLY B 75 9.37 -3.62 -9.12
C GLY B 75 8.07 -4.28 -9.56
N LEU B 76 7.18 -3.49 -10.16
CA LEU B 76 5.90 -3.99 -10.63
C LEU B 76 6.09 -4.86 -11.88
N VAL B 77 7.09 -4.51 -12.68
CA VAL B 77 7.38 -5.27 -13.90
C VAL B 77 7.91 -6.67 -13.58
N ALA B 78 8.84 -6.74 -12.63
CA ALA B 78 9.44 -8.02 -12.25
C ALA B 78 8.42 -9.00 -11.68
#